data_3KHC
#
_entry.id   3KHC
#
_cell.length_a   147.809
_cell.length_b   41.441
_cell.length_c   85.622
_cell.angle_alpha   90.00
_cell.angle_beta   120.98
_cell.angle_gamma   90.00
#
_symmetry.space_group_name_H-M   'C 1 2 1'
#
loop_
_entity.id
_entity.type
_entity.pdbx_description
1 polymer 'Alpha-ketoglutarate-dependent dioxygenase alkB'
2 polymer "DNA (5'-D(P*TP*AP*(MG1)P*TP*GP*CP*CP*T)-3')"
3 polymer "DNA (5'-D(P*GP*CP*AP*T)-3')"
4 non-polymer 'COBALT (II) ION'
5 non-polymer '2-OXOGLUTARIC ACID'
6 water water
#
loop_
_entity_poly.entity_id
_entity_poly.type
_entity_poly.pdbx_seq_one_letter_code
_entity_poly.pdbx_strand_id
1 'polypeptide(L)'
;GPHMLDLFADAEPWQEPLAAGAVILRRFAFNAAEQLIRDINDVASQSPFRQMVTPGGYTMSVAMTNCGHLGWTTHRQGYL
YSPIDPQTNKPWPAMPQSFHNLCQRAATAAGYPDFQPDACLINRYAPGAKLSLHQDKAEPDLRAPIVSVSLGLPAIFQFG
GLKRNDPLKRLLLEHGDVVVWGGESRLFYHGIQPLKAGFHPLTIDCRYNLTFRQAGKKE
;
A,B
2 'polydeoxyribonucleotide' (DT)(DA)(MG1)(DT)(DG)(DC)(DC)(DT) C
3 'polydeoxyribonucleotide' (DG)(DC)(DA)(DT) D
#
loop_
_chem_comp.id
_chem_comp.type
_chem_comp.name
_chem_comp.formula
AKG non-polymer '2-OXOGLUTARIC ACID' 'C5 H6 O5'
CO non-polymer 'COBALT (II) ION' 'Co 2'
DA DNA linking 2'-DEOXYADENOSINE-5'-MONOPHOSPHATE 'C10 H14 N5 O6 P'
DC DNA linking 2'-DEOXYCYTIDINE-5'-MONOPHOSPHATE 'C9 H14 N3 O7 P'
DG DNA linking 2'-DEOXYGUANOSINE-5'-MONOPHOSPHATE 'C10 H14 N5 O7 P'
DT DNA linking THYMIDINE-5'-MONOPHOSPHATE 'C10 H15 N2 O8 P'
MG1 DNA linking '2'-DEOXY-1-METHYLGUANOSINE 5'-(DIHYDROGEN PHOSPHATE)' 'C11 H16 N5 O7 P'
#
# COMPACT_ATOMS: atom_id res chain seq x y z
N PRO A 13 4.60 3.41 30.36
CA PRO A 13 3.94 2.95 29.13
C PRO A 13 2.68 3.73 28.85
N TRP A 14 2.44 4.12 27.59
CA TRP A 14 1.24 4.86 27.19
C TRP A 14 1.32 5.36 25.74
N GLN A 15 0.23 5.92 25.21
CA GLN A 15 0.25 6.41 23.82
C GLN A 15 0.25 7.93 23.66
N GLU A 16 0.92 8.40 22.61
CA GLU A 16 0.92 9.81 22.24
C GLU A 16 0.66 9.96 20.76
N PRO A 17 -0.25 10.86 20.37
CA PRO A 17 -0.50 10.99 18.93
C PRO A 17 0.70 11.59 18.25
N LEU A 18 1.05 11.13 17.06
CA LEU A 18 2.14 11.74 16.32
C LEU A 18 1.69 12.37 14.99
N ALA A 19 0.87 11.63 14.24
CA ALA A 19 0.27 12.10 12.99
C ALA A 19 -0.85 11.12 12.66
N ALA A 20 -1.61 11.41 11.60
CA ALA A 20 -2.61 10.47 11.11
C ALA A 20 -1.93 9.15 10.77
N GLY A 21 -2.39 8.08 11.42
CA GLY A 21 -1.81 6.75 11.27
C GLY A 21 -0.51 6.52 12.03
N ALA A 22 -0.10 7.47 12.87
CA ALA A 22 1.18 7.36 13.59
C ALA A 22 1.03 7.64 15.08
N VAL A 23 1.60 6.76 15.91
CA VAL A 23 1.54 6.92 17.36
CA VAL A 23 1.51 6.85 17.36
C VAL A 23 2.87 6.59 18.00
N ILE A 24 3.08 7.09 19.20
CA ILE A 24 4.24 6.70 19.97
C ILE A 24 3.72 5.91 21.17
N LEU A 25 4.22 4.68 21.29
CA LEU A 25 3.93 3.82 22.42
C LEU A 25 5.11 3.94 23.38
N ARG A 26 5.07 5.01 24.16
CA ARG A 26 6.07 5.30 25.17
C ARG A 26 6.32 4.07 26.05
N ARG A 27 7.57 3.59 26.07
CA ARG A 27 7.99 2.52 27.01
C ARG A 27 7.38 1.14 26.76
N PHE A 28 6.83 0.96 25.57
CA PHE A 28 6.15 -0.28 25.17
C PHE A 28 7.05 -1.52 25.18
N ALA A 29 8.33 -1.37 24.85
CA ALA A 29 9.28 -2.49 24.86
C ALA A 29 10.22 -2.52 26.09
N PHE A 30 9.86 -1.78 27.14
CA PHE A 30 10.67 -1.72 28.36
C PHE A 30 10.77 -3.09 29.05
N ASN A 31 9.62 -3.76 29.16
CA ASN A 31 9.53 -5.07 29.84
C ASN A 31 10.32 -6.16 29.12
N ALA A 32 10.31 -6.11 27.79
CA ALA A 32 10.93 -7.12 26.93
C ALA A 32 12.38 -6.81 26.52
N ALA A 33 12.88 -5.64 26.89
CA ALA A 33 14.16 -5.10 26.36
C ALA A 33 15.38 -6.01 26.57
N GLU A 34 15.46 -6.59 27.76
CA GLU A 34 16.57 -7.47 28.12
C GLU A 34 16.62 -8.70 27.23
N GLN A 35 15.44 -9.25 26.90
CA GLN A 35 15.34 -10.41 26.02
C GLN A 35 15.63 -10.03 24.56
N LEU A 36 15.16 -8.85 24.16
CA LEU A 36 15.41 -8.36 22.80
C LEU A 36 16.90 -8.22 22.53
N ILE A 37 17.62 -7.69 23.51
CA ILE A 37 19.07 -7.48 23.38
C ILE A 37 19.83 -8.81 23.31
N ARG A 38 19.43 -9.77 24.12
CA ARG A 38 19.98 -11.11 24.01
C ARG A 38 19.71 -11.72 22.63
N ASP A 39 18.52 -11.43 22.09
CA ASP A 39 18.14 -11.90 20.77
C ASP A 39 18.90 -11.18 19.66
N ILE A 40 19.16 -9.88 19.86
CA ILE A 40 20.10 -9.14 19.01
C ILE A 40 21.48 -9.82 18.96
N ASN A 41 22.05 -10.11 20.14
CA ASN A 41 23.38 -10.71 20.20
C ASN A 41 23.44 -12.02 19.42
N ASP A 42 22.45 -12.89 19.64
CA ASP A 42 22.34 -14.14 18.90
C ASP A 42 22.20 -13.94 17.38
N VAL A 43 21.33 -13.01 16.95
CA VAL A 43 21.21 -12.69 15.53
C VAL A 43 22.55 -12.22 14.96
N ALA A 44 23.27 -11.41 15.74
CA ALA A 44 24.54 -10.86 15.30
C ALA A 44 25.61 -11.94 15.19
N SER A 45 25.48 -13.01 15.97
CA SER A 45 26.50 -14.07 15.98
C SER A 45 26.44 -14.92 14.70
N GLN A 46 25.44 -14.67 13.87
CA GLN A 46 25.26 -15.36 12.59
C GLN A 46 25.46 -14.37 11.43
N SER A 47 24.68 -13.29 11.43
CA SER A 47 24.84 -12.17 10.51
C SER A 47 25.35 -10.97 11.33
N PRO A 48 26.67 -10.73 11.31
CA PRO A 48 27.29 -9.68 12.11
C PRO A 48 26.88 -8.29 11.68
N PHE A 49 26.96 -7.34 12.61
CA PHE A 49 26.79 -5.94 12.26
C PHE A 49 27.86 -5.56 11.24
N ARG A 50 27.52 -4.68 10.31
CA ARG A 50 28.50 -4.24 9.30
C ARG A 50 28.27 -2.79 8.90
N GLN A 51 29.30 -2.15 8.35
CA GLN A 51 29.16 -0.82 7.81
C GLN A 51 28.61 -0.88 6.40
N MET A 52 27.84 0.12 6.02
CA MET A 52 27.40 0.21 4.63
C MET A 52 27.78 1.53 3.99
N VAL A 53 28.09 1.44 2.70
CA VAL A 53 28.37 2.60 1.88
C VAL A 53 27.15 2.76 0.97
N THR A 54 26.66 3.99 0.87
CA THR A 54 25.46 4.28 0.09
C THR A 54 25.84 4.55 -1.37
N PRO A 55 24.83 4.70 -2.25
CA PRO A 55 25.13 5.13 -3.61
C PRO A 55 25.84 6.50 -3.71
N GLY A 56 25.77 7.32 -2.65
CA GLY A 56 26.45 8.62 -2.64
C GLY A 56 27.96 8.55 -2.40
N GLY A 57 28.40 7.44 -1.81
CA GLY A 57 29.82 7.24 -1.54
C GLY A 57 30.14 7.40 -0.07
N TYR A 58 29.14 7.82 0.71
CA TYR A 58 29.33 7.98 2.15
C TYR A 58 29.10 6.69 2.91
N THR A 59 30.05 6.39 3.80
CA THR A 59 29.90 5.28 4.71
C THR A 59 28.94 5.76 5.80
N MET A 60 27.95 4.92 6.09
CA MET A 60 26.98 5.22 7.14
C MET A 60 27.63 5.12 8.50
N SER A 61 27.28 6.03 9.40
CA SER A 61 27.83 5.98 10.76
C SER A 61 27.13 4.92 11.61
N VAL A 62 25.92 4.52 11.20
CA VAL A 62 25.19 3.42 11.84
CA VAL A 62 25.21 3.42 11.85
C VAL A 62 25.72 2.07 11.34
N ALA A 63 25.80 1.08 12.23
CA ALA A 63 26.10 -0.28 11.83
C ALA A 63 24.77 -1.04 11.78
N MET A 64 24.68 -2.06 10.92
CA MET A 64 23.41 -2.75 10.72
C MET A 64 23.56 -4.24 10.57
N THR A 65 22.48 -4.94 10.92
CA THR A 65 22.26 -6.31 10.46
C THR A 65 20.75 -6.56 10.24
N ASN A 66 20.38 -7.76 9.80
CA ASN A 66 18.97 -8.11 9.65
C ASN A 66 18.67 -9.51 10.17
N CYS A 67 17.39 -9.75 10.41
CA CYS A 67 16.86 -11.08 10.70
C CYS A 67 15.45 -11.08 10.14
N GLY A 68 14.89 -12.26 9.89
CA GLY A 68 13.59 -12.33 9.19
C GLY A 68 13.86 -12.77 7.78
N HIS A 69 12.80 -12.97 6.99
CA HIS A 69 12.97 -13.50 5.64
C HIS A 69 13.79 -12.56 4.75
N LEU A 70 13.51 -11.26 4.85
CA LEU A 70 14.15 -10.24 4.00
C LEU A 70 15.00 -9.26 4.78
N GLY A 71 16.25 -9.11 4.35
CA GLY A 71 17.15 -8.15 4.95
C GLY A 71 17.45 -7.00 4.00
N TRP A 72 17.56 -5.79 4.56
CA TRP A 72 17.89 -4.60 3.79
C TRP A 72 19.38 -4.31 3.90
N THR A 73 20.04 -4.14 2.75
CA THR A 73 21.39 -3.62 2.73
C THR A 73 21.52 -2.55 1.65
N THR A 74 22.51 -1.67 1.81
CA THR A 74 22.80 -0.70 0.77
C THR A 74 24.26 -0.81 0.33
N HIS A 75 24.52 -0.35 -0.89
CA HIS A 75 25.81 -0.53 -1.55
C HIS A 75 26.04 0.61 -2.52
N ARG A 76 27.23 0.66 -3.09
CA ARG A 76 27.52 1.65 -4.10
C ARG A 76 26.86 1.12 -5.35
N GLN A 77 26.08 0.08 -5.16
CA GLN A 77 25.29 -0.51 -6.22
C GLN A 77 23.86 0.00 -6.12
N GLY A 78 23.48 0.64 -5.02
CA GLY A 78 22.05 0.58 -4.80
C GLY A 78 21.65 -0.26 -3.60
N TYR A 79 20.54 0.13 -2.97
CA TYR A 79 19.95 -0.63 -1.86
C TYR A 79 19.38 -1.97 -2.37
N LEU A 80 19.15 -2.89 -1.43
CA LEU A 80 18.68 -4.23 -1.78
C LEU A 80 17.92 -4.83 -0.62
N TYR A 81 16.72 -5.34 -0.91
CA TYR A 81 16.07 -6.33 -0.07
C TYR A 81 16.43 -7.70 -0.62
N SER A 82 16.98 -8.57 0.22
CA SER A 82 17.37 -9.92 -0.24
C SER A 82 17.11 -10.98 0.83
N PRO A 83 16.88 -12.23 0.40
CA PRO A 83 16.76 -13.29 1.42
C PRO A 83 18.12 -13.78 1.91
N ILE A 84 19.18 -13.34 1.22
CA ILE A 84 20.56 -13.72 1.52
C ILE A 84 21.37 -12.54 2.06
N ASP A 85 22.16 -12.81 3.10
CA ASP A 85 23.09 -11.85 3.67
C ASP A 85 24.39 -11.84 2.85
N PRO A 86 24.70 -10.69 2.21
CA PRO A 86 25.91 -10.55 1.39
C PRO A 86 27.21 -10.90 2.12
N GLN A 87 27.25 -10.71 3.45
CA GLN A 87 28.46 -10.97 4.24
C GLN A 87 28.69 -12.45 4.49
N THR A 88 27.63 -13.26 4.40
CA THR A 88 27.73 -14.69 4.71
C THR A 88 27.40 -15.61 3.54
N ASN A 89 26.72 -15.06 2.52
CA ASN A 89 26.12 -15.85 1.42
C ASN A 89 25.21 -16.94 1.91
N LYS A 90 24.54 -16.63 3.03
CA LYS A 90 23.59 -17.50 3.70
C LYS A 90 22.32 -16.69 4.01
N PRO A 91 21.20 -17.37 4.28
CA PRO A 91 20.01 -16.62 4.68
C PRO A 91 20.26 -15.79 5.96
N TRP A 92 19.52 -14.69 6.10
CA TRP A 92 19.54 -13.94 7.36
C TRP A 92 18.99 -14.85 8.43
N PRO A 93 19.44 -14.65 9.68
CA PRO A 93 18.92 -15.43 10.80
C PRO A 93 17.41 -15.25 10.89
N ALA A 94 16.69 -16.28 11.30
CA ALA A 94 15.24 -16.21 11.40
C ALA A 94 14.83 -15.18 12.45
N MET A 95 13.65 -14.62 12.28
CA MET A 95 13.07 -13.64 13.19
C MET A 95 12.86 -14.29 14.56
N PRO A 96 13.54 -13.76 15.60
CA PRO A 96 13.36 -14.29 16.97
C PRO A 96 11.93 -14.09 17.45
N GLN A 97 11.44 -15.03 18.25
CA GLN A 97 10.07 -14.97 18.75
C GLN A 97 9.78 -13.69 19.54
N SER A 98 10.76 -13.23 20.32
CA SER A 98 10.60 -12.01 21.12
C SER A 98 10.34 -10.81 20.22
N PHE A 99 11.14 -10.71 19.16
CA PHE A 99 10.96 -9.71 18.11
C PHE A 99 9.55 -9.78 17.54
N HIS A 100 9.11 -10.97 17.14
CA HIS A 100 7.85 -11.14 16.44
C HIS A 100 6.64 -10.84 17.33
N ASN A 101 6.72 -11.27 18.59
CA ASN A 101 5.62 -11.04 19.53
C ASN A 101 5.49 -9.56 19.86
N LEU A 102 6.62 -8.93 20.16
CA LEU A 102 6.61 -7.51 20.50
C LEU A 102 6.09 -6.65 19.34
N CYS A 103 6.59 -6.91 18.15
CA CYS A 103 6.20 -6.16 16.96
C CYS A 103 4.69 -6.22 16.75
N GLN A 104 4.13 -7.43 16.78
CA GLN A 104 2.71 -7.63 16.58
C GLN A 104 1.88 -6.97 17.67
N ARG A 105 2.33 -7.07 18.93
CA ARG A 105 1.65 -6.40 20.04
C ARG A 105 1.65 -4.89 19.84
N ALA A 106 2.78 -4.35 19.43
CA ALA A 106 2.89 -2.92 19.12
C ALA A 106 1.94 -2.51 18.00
N ALA A 107 1.99 -3.23 16.88
CA ALA A 107 1.18 -2.91 15.72
C ALA A 107 -0.33 -2.93 15.99
N THR A 108 -0.78 -3.89 16.82
CA THR A 108 -2.20 -3.99 17.20
C THR A 108 -2.61 -2.83 18.11
N ALA A 109 -1.70 -2.43 19.01
CA ALA A 109 -1.93 -1.32 19.92
C ALA A 109 -2.01 0.01 19.14
N ALA A 110 -1.35 0.03 17.99
CA ALA A 110 -1.28 1.23 17.17
C ALA A 110 -2.39 1.30 16.11
N GLY A 111 -3.21 0.26 16.03
CA GLY A 111 -4.35 0.25 15.13
C GLY A 111 -4.09 -0.52 13.84
N TYR A 112 -3.05 -1.34 13.86
CA TYR A 112 -2.71 -2.20 12.72
C TYR A 112 -2.77 -3.67 13.12
N PRO A 113 -3.98 -4.24 13.21
CA PRO A 113 -4.17 -5.58 13.78
C PRO A 113 -3.61 -6.70 12.92
N ASP A 114 -3.31 -6.40 11.65
CA ASP A 114 -2.98 -7.46 10.69
C ASP A 114 -1.56 -7.45 10.18
N PHE A 115 -0.71 -6.64 10.81
CA PHE A 115 0.69 -6.51 10.42
C PHE A 115 1.42 -7.84 10.58
N GLN A 116 2.03 -8.28 9.49
CA GLN A 116 2.87 -9.45 9.48
C GLN A 116 4.26 -9.09 8.93
N PRO A 117 5.19 -8.69 9.82
CA PRO A 117 6.54 -8.39 9.35
C PRO A 117 7.21 -9.61 8.73
N ASP A 118 8.01 -9.38 7.68
CA ASP A 118 8.85 -10.42 7.08
C ASP A 118 10.30 -9.94 7.09
N ALA A 119 10.54 -8.84 7.80
CA ALA A 119 11.80 -8.14 7.76
C ALA A 119 12.01 -7.34 9.04
N CYS A 120 13.21 -7.48 9.61
CA CYS A 120 13.62 -6.62 10.71
C CYS A 120 15.06 -6.14 10.48
N LEU A 121 15.24 -4.84 10.32
CA LEU A 121 16.58 -4.26 10.26
C LEU A 121 16.98 -3.86 11.68
N ILE A 122 18.19 -4.24 12.09
CA ILE A 122 18.70 -3.83 13.39
C ILE A 122 19.76 -2.78 13.17
N ASN A 123 19.55 -1.60 13.76
CA ASN A 123 20.55 -0.52 13.77
C ASN A 123 21.26 -0.45 15.11
N ARG A 124 22.56 -0.19 15.09
CA ARG A 124 23.31 0.10 16.29
C ARG A 124 24.06 1.42 16.11
N TYR A 125 23.69 2.41 16.92
CA TYR A 125 24.27 3.75 16.87
C TYR A 125 25.25 3.95 18.02
N ALA A 126 26.48 4.38 17.70
CA ALA A 126 27.46 4.83 18.70
C ALA A 126 27.32 6.35 18.86
N PRO A 127 27.87 6.92 19.95
CA PRO A 127 27.81 8.37 20.07
C PRO A 127 28.35 9.05 18.80
N GLY A 128 27.69 10.12 18.38
CA GLY A 128 28.00 10.78 17.12
C GLY A 128 27.28 10.20 15.90
N ALA A 129 26.82 8.95 15.97
CA ALA A 129 26.16 8.31 14.81
C ALA A 129 24.75 8.86 14.53
N LYS A 130 24.37 8.87 13.25
CA LYS A 130 23.10 9.44 12.82
C LYS A 130 22.49 8.66 11.64
N LEU A 131 21.22 8.91 11.38
CA LEU A 131 20.57 8.39 10.17
C LEU A 131 19.83 9.54 9.49
N SER A 132 20.36 9.95 8.35
CA SER A 132 19.85 11.09 7.61
C SER A 132 18.37 10.95 7.23
N LEU A 133 17.69 12.09 7.20
CA LEU A 133 16.30 12.20 6.81
C LEU A 133 16.05 11.45 5.50
N HIS A 134 15.00 10.64 5.49
CA HIS A 134 14.68 9.77 4.37
C HIS A 134 13.23 9.31 4.51
N GLN A 135 12.70 8.73 3.44
CA GLN A 135 11.42 8.01 3.49
C GLN A 135 11.70 6.52 3.42
N ASP A 136 10.88 5.73 4.11
CA ASP A 136 10.86 4.29 3.88
C ASP A 136 9.95 4.03 2.70
N LYS A 137 10.53 3.97 1.51
CA LYS A 137 9.74 3.85 0.28
C LYS A 137 10.10 2.64 -0.59
N ALA A 138 11.01 1.82 -0.09
CA ALA A 138 11.52 0.66 -0.84
C ALA A 138 10.55 -0.53 -0.88
N GLU A 139 9.60 -0.56 0.05
CA GLU A 139 8.67 -1.68 0.19
C GLU A 139 7.50 -1.52 -0.78
N PRO A 140 7.17 -2.59 -1.53
CA PRO A 140 6.12 -2.50 -2.56
C PRO A 140 4.70 -2.45 -2.00
N ASP A 141 4.47 -2.99 -0.80
CA ASP A 141 3.14 -3.02 -0.18
C ASP A 141 3.05 -1.95 0.91
N LEU A 142 2.53 -0.78 0.55
CA LEU A 142 2.48 0.36 1.46
C LEU A 142 1.38 0.29 2.51
N ARG A 143 0.53 -0.73 2.45
CA ARG A 143 -0.50 -0.92 3.50
C ARG A 143 0.10 -1.34 4.85
N ALA A 144 1.25 -1.99 4.82
CA ALA A 144 1.93 -2.41 6.04
C ALA A 144 2.59 -1.22 6.73
N PRO A 145 2.38 -1.07 8.05
CA PRO A 145 3.02 0.01 8.77
C PRO A 145 4.51 -0.26 9.04
N ILE A 146 5.21 0.75 9.54
CA ILE A 146 6.58 0.60 10.07
C ILE A 146 6.47 0.55 11.59
N VAL A 147 7.10 -0.45 12.20
CA VAL A 147 7.21 -0.52 13.65
C VAL A 147 8.66 -0.30 14.05
N SER A 148 8.89 0.67 14.93
CA SER A 148 10.23 1.20 15.16
C SER A 148 10.52 1.27 16.66
N VAL A 149 11.44 0.40 17.10
CA VAL A 149 11.71 0.15 18.53
C VAL A 149 13.05 0.78 18.98
N SER A 150 13.01 1.54 20.06
CA SER A 150 14.22 2.16 20.62
C SER A 150 14.72 1.39 21.81
N LEU A 151 16.05 1.18 21.85
CA LEU A 151 16.71 0.57 23.01
C LEU A 151 18.04 1.27 23.35
N GLY A 152 18.31 1.40 24.65
CA GLY A 152 19.57 2.01 25.13
C GLY A 152 19.52 3.52 25.28
N LEU A 153 20.56 4.19 24.81
CA LEU A 153 20.66 5.64 24.87
C LEU A 153 19.50 6.40 24.17
N PRO A 154 19.15 7.60 24.68
CA PRO A 154 18.08 8.40 24.08
C PRO A 154 18.55 9.08 22.79
N ALA A 155 17.63 9.25 21.83
CA ALA A 155 17.97 9.93 20.59
C ALA A 155 16.84 10.84 20.16
N ILE A 156 17.20 11.92 19.47
CA ILE A 156 16.22 12.74 18.81
C ILE A 156 15.86 12.10 17.47
N PHE A 157 14.58 11.75 17.34
CA PHE A 157 13.96 11.23 16.11
C PHE A 157 13.20 12.37 15.43
N GLN A 158 13.61 12.70 14.21
CA GLN A 158 12.89 13.70 13.42
C GLN A 158 11.73 13.02 12.71
N PHE A 159 10.58 13.66 12.68
CA PHE A 159 9.42 13.12 11.96
C PHE A 159 8.68 14.28 11.30
N GLY A 160 8.58 14.22 9.97
CA GLY A 160 8.04 15.34 9.18
C GLY A 160 6.79 14.96 8.42
N GLY A 161 6.74 15.39 7.16
CA GLY A 161 5.61 15.14 6.26
C GLY A 161 6.06 14.46 4.98
N LEU A 162 5.21 14.52 3.96
CA LEU A 162 5.44 13.86 2.68
CA LEU A 162 5.44 13.87 2.66
C LEU A 162 6.60 14.45 1.89
N LYS A 163 6.81 15.76 2.02
CA LYS A 163 7.89 16.43 1.30
C LYS A 163 9.08 16.73 2.19
N ARG A 164 10.26 16.67 1.57
CA ARG A 164 11.54 16.86 2.23
C ARG A 164 11.57 18.05 3.19
N ASN A 165 11.00 19.17 2.76
CA ASN A 165 11.00 20.42 3.52
C ASN A 165 9.80 20.65 4.46
N ASP A 166 8.87 19.70 4.54
CA ASP A 166 7.75 19.82 5.47
C ASP A 166 8.26 19.98 6.90
N PRO A 167 7.57 20.79 7.73
CA PRO A 167 8.03 21.01 9.11
C PRO A 167 8.32 19.70 9.84
N LEU A 168 9.39 19.70 10.64
CA LEU A 168 9.83 18.49 11.36
C LEU A 168 9.55 18.58 12.84
N LYS A 169 9.05 17.49 13.41
CA LYS A 169 8.89 17.38 14.84
C LYS A 169 10.14 16.69 15.38
N ARG A 170 10.80 17.29 16.38
CA ARG A 170 11.91 16.65 17.08
CA ARG A 170 11.88 16.61 17.05
C ARG A 170 11.36 15.89 18.28
N LEU A 171 11.45 14.56 18.25
CA LEU A 171 10.96 13.73 19.32
CA LEU A 171 10.95 13.72 19.32
C LEU A 171 12.11 13.06 20.05
N LEU A 172 12.09 13.10 21.37
CA LEU A 172 13.11 12.41 22.15
C LEU A 172 12.64 10.99 22.47
N LEU A 173 13.22 10.02 21.77
CA LEU A 173 12.87 8.61 21.97
C LEU A 173 13.80 7.99 22.98
N GLU A 174 13.22 7.27 23.94
CA GLU A 174 13.97 6.71 25.06
C GLU A 174 13.83 5.20 25.09
N HIS A 175 14.70 4.57 25.88
CA HIS A 175 14.75 3.11 26.02
C HIS A 175 13.36 2.52 26.19
N GLY A 176 12.95 1.67 25.26
CA GLY A 176 11.63 1.03 25.32
C GLY A 176 10.53 1.67 24.48
N ASP A 177 10.75 2.92 24.03
CA ASP A 177 9.79 3.61 23.17
C ASP A 177 9.65 2.94 21.81
N VAL A 178 8.40 2.76 21.39
CA VAL A 178 8.10 2.20 20.09
C VAL A 178 7.28 3.20 19.27
N VAL A 179 7.73 3.49 18.05
CA VAL A 179 7.01 4.39 17.14
C VAL A 179 6.39 3.54 16.02
N VAL A 180 5.16 3.86 15.65
CA VAL A 180 4.46 3.09 14.64
C VAL A 180 3.85 4.10 13.73
N TRP A 181 4.15 4.00 12.44
CA TRP A 181 3.48 4.85 11.46
C TRP A 181 3.06 4.04 10.23
N GLY A 182 2.03 4.54 9.55
CA GLY A 182 1.46 3.86 8.39
C GLY A 182 0.22 4.60 7.90
N GLY A 183 -0.49 4.02 6.93
CA GLY A 183 -1.63 4.70 6.31
C GLY A 183 -1.17 6.03 5.73
N GLU A 184 -1.82 7.11 6.17
CA GLU A 184 -1.53 8.44 5.64
C GLU A 184 -0.10 8.93 5.96
N SER A 185 0.44 8.53 7.11
CA SER A 185 1.83 8.87 7.43
C SER A 185 2.87 7.86 6.96
N ARG A 186 2.48 6.90 6.10
CA ARG A 186 3.36 5.75 5.80
C ARG A 186 4.70 6.12 5.15
N LEU A 187 4.63 7.09 4.25
CA LEU A 187 5.79 7.54 3.50
C LEU A 187 6.39 8.84 4.06
N PHE A 188 6.12 9.14 5.32
CA PHE A 188 6.60 10.40 5.91
C PHE A 188 8.11 10.41 6.12
N TYR A 189 8.72 11.59 5.90
CA TYR A 189 10.16 11.76 6.11
C TYR A 189 10.48 11.68 7.59
N HIS A 190 11.65 11.11 7.91
CA HIS A 190 12.02 10.87 9.29
C HIS A 190 13.52 10.54 9.39
N GLY A 191 14.06 10.55 10.60
CA GLY A 191 15.48 10.33 10.77
C GLY A 191 15.94 10.46 12.20
N ILE A 192 17.24 10.21 12.41
CA ILE A 192 17.87 10.26 13.71
C ILE A 192 19.05 11.25 13.72
N GLN A 193 19.04 12.19 14.67
CA GLN A 193 20.11 13.20 14.82
C GLN A 193 21.31 12.55 15.51
N PRO A 194 22.53 13.11 15.33
CA PRO A 194 23.75 12.56 15.96
C PRO A 194 23.57 12.24 17.44
N LEU A 195 23.80 10.97 17.78
CA LEU A 195 23.60 10.49 19.14
C LEU A 195 24.57 11.14 20.12
N LYS A 196 24.01 11.69 21.20
CA LYS A 196 24.82 12.23 22.29
C LYS A 196 25.39 11.09 23.11
N ALA A 197 26.62 11.26 23.58
CA ALA A 197 27.23 10.29 24.45
C ALA A 197 26.42 10.20 25.74
N GLY A 198 26.38 9.00 26.33
CA GLY A 198 25.77 8.78 27.62
C GLY A 198 26.01 7.36 28.06
N PHE A 199 25.34 6.97 29.14
CA PHE A 199 25.39 5.62 29.64
C PHE A 199 23.99 5.07 29.78
N HIS A 200 23.85 3.79 29.47
CA HIS A 200 22.63 3.07 29.76
C HIS A 200 23.03 1.70 30.30
N PRO A 201 22.36 1.24 31.38
CA PRO A 201 22.73 -0.04 32.00
C PRO A 201 22.68 -1.24 31.09
N LEU A 202 21.74 -1.26 30.12
CA LEU A 202 21.51 -2.46 29.31
CA LEU A 202 21.51 -2.46 29.31
C LEU A 202 22.27 -2.48 27.99
N THR A 203 22.70 -1.29 27.54
CA THR A 203 23.47 -1.19 26.31
C THR A 203 24.86 -0.55 26.50
N ILE A 204 25.15 -0.07 27.73
CA ILE A 204 26.40 0.62 28.11
C ILE A 204 26.55 2.04 27.51
N ASP A 205 26.73 2.14 26.20
CA ASP A 205 27.11 3.42 25.58
C ASP A 205 26.57 3.58 24.17
N CYS A 206 25.53 2.79 23.85
CA CYS A 206 25.01 2.76 22.48
CA CYS A 206 25.03 2.65 22.50
C CYS A 206 23.48 2.62 22.47
N ARG A 207 22.90 2.76 21.28
CA ARG A 207 21.46 2.68 21.10
C ARG A 207 21.15 1.68 19.99
N TYR A 208 20.21 0.79 20.27
CA TYR A 208 19.71 -0.10 19.24
C TYR A 208 18.35 0.38 18.77
N ASN A 209 18.06 0.12 17.49
CA ASN A 209 16.71 0.29 16.93
C ASN A 209 16.33 -0.95 16.15
N LEU A 210 15.12 -1.43 16.36
CA LEU A 210 14.55 -2.48 15.52
C LEU A 210 13.54 -1.85 14.57
N THR A 211 13.75 -2.03 13.28
CA THR A 211 12.80 -1.55 12.28
C THR A 211 12.12 -2.74 11.61
N PHE A 212 10.88 -3.03 12.02
CA PHE A 212 10.09 -4.12 11.42
C PHE A 212 9.33 -3.63 10.21
N ARG A 213 9.36 -4.42 9.15
CA ARG A 213 8.67 -4.07 7.92
C ARG A 213 8.05 -5.28 7.24
N GLN A 214 6.98 -5.05 6.48
CA GLN A 214 6.61 -5.98 5.41
C GLN A 214 7.33 -5.49 4.15
N ALA A 215 8.33 -6.26 3.75
CA ALA A 215 9.23 -5.91 2.66
C ALA A 215 8.92 -6.67 1.37
N GLY A 216 8.28 -7.83 1.50
CA GLY A 216 7.78 -8.60 0.36
C GLY A 216 6.27 -8.55 0.22
N LYS A 217 5.69 -9.61 -0.35
CA LYS A 217 4.25 -9.69 -0.59
C LYS A 217 3.50 -10.40 0.56
N LYS A 218 2.31 -9.90 0.88
CA LYS A 218 1.51 -10.42 1.98
C LYS A 218 0.67 -11.64 1.56
N GLU A 219 0.48 -12.56 2.50
CA GLU A 219 -0.34 -13.76 2.31
C GLU A 219 -1.69 -13.67 3.04
N GLU B 12 -33.87 4.30 -0.43
CA GLU B 12 -32.81 4.85 -1.25
C GLU B 12 -31.66 3.86 -1.39
N PRO B 13 -30.44 4.34 -1.16
CA PRO B 13 -29.25 3.49 -1.26
C PRO B 13 -28.89 2.85 0.08
N TRP B 14 -28.54 1.57 0.05
CA TRP B 14 -28.18 0.85 1.27
C TRP B 14 -26.81 0.20 1.11
N GLN B 15 -26.35 -0.46 2.17
CA GLN B 15 -25.04 -1.11 2.21
C GLN B 15 -25.19 -2.61 2.29
N GLU B 16 -24.20 -3.30 1.74
CA GLU B 16 -24.04 -4.73 1.87
C GLU B 16 -22.54 -5.07 2.03
N PRO B 17 -22.08 -5.28 3.27
CA PRO B 17 -20.68 -5.69 3.47
C PRO B 17 -20.35 -6.98 2.72
N LEU B 18 -19.09 -7.11 2.29
CA LEU B 18 -18.63 -8.24 1.48
C LEU B 18 -17.52 -9.02 2.16
N ALA B 19 -16.50 -8.31 2.62
CA ALA B 19 -15.28 -8.85 3.23
C ALA B 19 -14.62 -7.68 3.97
N ALA B 20 -13.50 -7.92 4.66
CA ALA B 20 -12.79 -6.83 5.37
C ALA B 20 -12.32 -5.80 4.33
N GLY B 21 -12.71 -4.55 4.52
CA GLY B 21 -12.37 -3.47 3.58
C GLY B 21 -13.26 -3.38 2.34
N ALA B 22 -14.29 -4.21 2.25
CA ALA B 22 -15.12 -4.32 1.04
C ALA B 22 -16.63 -4.18 1.29
N VAL B 23 -17.27 -3.29 0.54
CA VAL B 23 -18.72 -3.06 0.66
CA VAL B 23 -18.72 -3.09 0.64
C VAL B 23 -19.38 -2.92 -0.71
N ILE B 24 -20.63 -3.38 -0.82
CA ILE B 24 -21.47 -3.02 -1.95
C ILE B 24 -22.35 -1.89 -1.45
N LEU B 25 -22.24 -0.73 -2.11
CA LEU B 25 -23.13 0.38 -1.88
C LEU B 25 -24.30 0.26 -2.89
N ARG B 26 -25.34 -0.48 -2.48
CA ARG B 26 -26.45 -0.76 -3.40
C ARG B 26 -27.20 0.49 -3.84
N ARG B 27 -27.30 0.65 -5.16
CA ARG B 27 -28.01 1.75 -5.84
C ARG B 27 -27.42 3.15 -5.58
N PHE B 28 -26.21 3.19 -5.05
CA PHE B 28 -25.56 4.44 -4.65
C PHE B 28 -25.46 5.45 -5.81
N ALA B 29 -25.24 4.93 -7.02
CA ALA B 29 -25.06 5.75 -8.21
C ALA B 29 -26.33 5.84 -9.06
N PHE B 30 -27.44 5.27 -8.59
CA PHE B 30 -28.69 5.25 -9.36
C PHE B 30 -29.15 6.65 -9.77
N ASN B 31 -29.14 7.58 -8.81
CA ASN B 31 -29.57 8.97 -9.07
C ASN B 31 -28.68 9.72 -10.06
N ALA B 32 -27.37 9.51 -9.96
CA ALA B 32 -26.41 10.17 -10.83
C ALA B 32 -26.20 9.48 -12.19
N ALA B 33 -26.87 8.34 -12.40
CA ALA B 33 -26.61 7.48 -13.56
C ALA B 33 -26.68 8.14 -14.95
N GLU B 34 -27.73 8.92 -15.21
CA GLU B 34 -27.87 9.64 -16.49
C GLU B 34 -26.65 10.52 -16.80
N GLN B 35 -26.27 11.36 -15.83
CA GLN B 35 -25.17 12.31 -15.99
C GLN B 35 -23.85 11.61 -16.29
N LEU B 36 -23.63 10.49 -15.61
CA LEU B 36 -22.42 9.68 -15.82
C LEU B 36 -22.39 9.06 -17.21
N ILE B 37 -23.53 8.52 -17.65
CA ILE B 37 -23.64 7.84 -18.95
C ILE B 37 -23.44 8.84 -20.09
N ARG B 38 -24.01 10.03 -19.91
CA ARG B 38 -23.74 11.19 -20.75
C ARG B 38 -22.22 11.46 -20.81
N ASP B 39 -21.57 11.46 -19.64
CA ASP B 39 -20.12 11.69 -19.58
C ASP B 39 -19.30 10.56 -20.19
N ILE B 40 -19.78 9.32 -20.01
CA ILE B 40 -19.21 8.16 -20.70
C ILE B 40 -19.14 8.39 -22.22
N ASN B 41 -20.20 8.99 -22.77
CA ASN B 41 -20.24 9.34 -24.19
C ASN B 41 -19.23 10.42 -24.58
N ASP B 42 -19.12 11.44 -23.73
CA ASP B 42 -18.21 12.55 -23.96
C ASP B 42 -16.74 12.10 -23.90
N VAL B 43 -16.41 11.28 -22.91
CA VAL B 43 -15.09 10.67 -22.81
C VAL B 43 -14.80 9.87 -24.08
N ALA B 44 -15.80 9.09 -24.51
CA ALA B 44 -15.66 8.13 -25.61
C ALA B 44 -15.52 8.81 -26.96
N SER B 45 -15.99 10.05 -27.03
CA SER B 45 -15.86 10.86 -28.25
C SER B 45 -14.42 11.31 -28.46
N GLN B 46 -13.68 11.48 -27.36
CA GLN B 46 -12.27 11.86 -27.42
C GLN B 46 -11.35 10.65 -27.55
N SER B 47 -11.71 9.58 -26.85
CA SER B 47 -10.92 8.34 -26.79
C SER B 47 -11.86 7.16 -26.90
N PRO B 48 -12.08 6.64 -28.13
CA PRO B 48 -13.09 5.63 -28.37
C PRO B 48 -12.88 4.36 -27.57
N PHE B 49 -13.95 3.62 -27.32
CA PHE B 49 -13.86 2.26 -26.83
C PHE B 49 -13.12 1.41 -27.85
N ARG B 50 -12.20 0.59 -27.36
CA ARG B 50 -11.51 -0.38 -28.20
C ARG B 50 -11.31 -1.66 -27.40
N GLN B 51 -11.29 -2.80 -28.08
CA GLN B 51 -11.03 -4.10 -27.44
C GLN B 51 -9.55 -4.36 -27.44
N MET B 52 -8.93 -4.27 -26.27
CA MET B 52 -7.48 -4.36 -26.21
C MET B 52 -6.99 -5.79 -26.41
N VAL B 53 -5.78 -5.92 -26.94
CA VAL B 53 -5.12 -7.21 -27.11
C VAL B 53 -4.10 -7.39 -25.99
N THR B 54 -4.20 -8.51 -25.28
CA THR B 54 -3.32 -8.80 -24.15
C THR B 54 -1.90 -9.08 -24.65
N PRO B 55 -0.90 -9.02 -23.75
CA PRO B 55 0.49 -9.28 -24.14
C PRO B 55 0.73 -10.68 -24.69
N GLY B 56 -0.14 -11.62 -24.32
CA GLY B 56 -0.11 -12.97 -24.88
C GLY B 56 -0.82 -13.09 -26.23
N GLY B 57 -1.42 -12.01 -26.72
CA GLY B 57 -2.11 -12.00 -28.01
C GLY B 57 -3.61 -12.27 -28.03
N TYR B 58 -4.25 -12.29 -26.86
CA TYR B 58 -5.71 -12.46 -26.79
C TYR B 58 -6.41 -11.10 -26.94
N THR B 59 -7.43 -11.06 -27.80
CA THR B 59 -8.32 -9.91 -27.85
C THR B 59 -9.31 -10.06 -26.70
N MET B 60 -9.46 -9.01 -25.90
CA MET B 60 -10.41 -8.99 -24.78
C MET B 60 -11.84 -8.81 -25.31
N SER B 61 -12.82 -9.36 -24.60
CA SER B 61 -14.23 -9.20 -24.99
C SER B 61 -14.82 -7.88 -24.47
N VAL B 62 -14.34 -7.42 -23.31
CA VAL B 62 -14.73 -6.09 -22.81
CA VAL B 62 -14.72 -6.10 -22.79
C VAL B 62 -14.10 -5.02 -23.69
N ALA B 63 -14.88 -3.99 -24.00
CA ALA B 63 -14.36 -2.87 -24.77
C ALA B 63 -14.06 -1.79 -23.75
N MET B 64 -12.99 -1.03 -23.98
CA MET B 64 -12.43 -0.19 -22.92
C MET B 64 -12.07 1.22 -23.39
N THR B 65 -12.21 2.18 -22.46
CA THR B 65 -11.51 3.45 -22.60
C THR B 65 -11.13 4.00 -21.22
N ASN B 66 -10.46 5.16 -21.18
CA ASN B 66 -10.03 5.71 -19.91
C ASN B 66 -10.27 7.20 -19.90
N CYS B 67 -10.40 7.76 -18.69
CA CYS B 67 -10.31 9.19 -18.49
C CYS B 67 -9.59 9.45 -17.18
N GLY B 68 -9.16 10.69 -16.96
CA GLY B 68 -8.28 11.02 -15.84
C GLY B 68 -6.83 10.97 -16.25
N HIS B 69 -5.93 11.22 -15.30
CA HIS B 69 -4.50 11.37 -15.58
C HIS B 69 -3.83 10.12 -16.15
N LEU B 70 -4.27 8.95 -15.69
CA LEU B 70 -3.66 7.69 -16.07
C LEU B 70 -4.70 6.71 -16.59
N GLY B 71 -4.38 6.07 -17.71
CA GLY B 71 -5.27 5.10 -18.34
C GLY B 71 -4.66 3.71 -18.38
N TRP B 72 -5.46 2.71 -18.03
CA TRP B 72 -5.01 1.32 -18.09
C TRP B 72 -4.99 0.85 -19.54
N THR B 73 -3.86 0.27 -19.92
CA THR B 73 -3.63 -0.14 -21.30
C THR B 73 -2.84 -1.43 -21.34
N THR B 74 -3.09 -2.22 -22.36
CA THR B 74 -2.27 -3.39 -22.63
C THR B 74 -1.10 -2.95 -23.50
N HIS B 75 0.01 -3.67 -23.39
CA HIS B 75 1.20 -3.36 -24.15
C HIS B 75 2.01 -4.64 -24.32
N ARG B 76 2.83 -4.72 -25.36
CA ARG B 76 3.68 -5.88 -25.59
CA ARG B 76 3.69 -5.87 -25.59
C ARG B 76 4.32 -6.38 -24.28
N GLN B 77 4.90 -5.45 -23.51
CA GLN B 77 5.62 -5.77 -22.26
C GLN B 77 4.75 -5.95 -21.02
N GLY B 78 3.44 -6.08 -21.21
CA GLY B 78 2.53 -6.27 -20.09
C GLY B 78 1.57 -5.12 -19.90
N TYR B 79 0.77 -5.23 -18.84
CA TYR B 79 -0.31 -4.29 -18.56
C TYR B 79 0.26 -3.04 -17.89
N LEU B 80 -0.06 -1.87 -18.44
CA LEU B 80 0.52 -0.64 -17.91
C LEU B 80 -0.40 0.56 -17.86
N TYR B 81 -0.09 1.47 -16.96
CA TYR B 81 -0.74 2.76 -16.91
C TYR B 81 0.04 3.79 -17.72
N SER B 82 -0.66 4.52 -18.58
CA SER B 82 -0.04 5.54 -19.38
C SER B 82 -0.84 6.83 -19.34
N PRO B 83 -0.14 7.98 -19.34
CA PRO B 83 -0.84 9.24 -19.47
C PRO B 83 -1.34 9.44 -20.89
N ILE B 84 -0.91 8.60 -21.83
CA ILE B 84 -1.24 8.73 -23.25
C ILE B 84 -2.11 7.58 -23.78
N ASP B 85 -3.19 7.93 -24.47
CA ASP B 85 -4.02 6.97 -25.21
C ASP B 85 -3.32 6.60 -26.52
N PRO B 86 -2.82 5.35 -26.64
CA PRO B 86 -2.15 4.91 -27.88
C PRO B 86 -3.10 4.88 -29.09
N GLN B 87 -4.40 4.84 -28.82
CA GLN B 87 -5.43 4.92 -29.85
C GLN B 87 -5.43 6.28 -30.56
N THR B 88 -5.08 7.33 -29.82
CA THR B 88 -5.11 8.71 -30.33
C THR B 88 -3.75 9.40 -30.25
N ASN B 89 -2.79 8.79 -29.55
CA ASN B 89 -1.52 9.41 -29.20
C ASN B 89 -1.70 10.84 -28.66
N LYS B 90 -2.71 10.98 -27.80
CA LYS B 90 -3.00 12.19 -27.03
C LYS B 90 -3.14 11.75 -25.59
N PRO B 91 -3.14 12.69 -24.62
CA PRO B 91 -3.49 12.26 -23.28
C PRO B 91 -4.96 11.86 -23.24
N TRP B 92 -5.31 11.05 -22.24
CA TRP B 92 -6.69 10.62 -22.02
C TRP B 92 -7.54 11.85 -21.69
N PRO B 93 -8.86 11.76 -21.90
CA PRO B 93 -9.74 12.87 -21.52
C PRO B 93 -9.65 13.20 -20.04
N ALA B 94 -9.86 14.47 -19.70
CA ALA B 94 -9.99 14.86 -18.31
C ALA B 94 -11.10 14.03 -17.66
N MET B 95 -11.01 13.83 -16.34
CA MET B 95 -12.05 13.14 -15.61
C MET B 95 -13.26 14.06 -15.40
N PRO B 96 -14.46 13.61 -15.84
CA PRO B 96 -15.67 14.41 -15.66
C PRO B 96 -15.94 14.70 -14.19
N GLN B 97 -16.52 15.86 -13.90
CA GLN B 97 -16.81 16.26 -12.51
C GLN B 97 -17.75 15.27 -11.83
N SER B 98 -18.74 14.76 -12.57
CA SER B 98 -19.68 13.76 -12.04
C SER B 98 -19.00 12.44 -11.66
N PHE B 99 -17.97 12.06 -12.41
CA PHE B 99 -17.17 10.87 -12.11
C PHE B 99 -16.45 11.09 -10.77
N HIS B 100 -15.68 12.16 -10.69
CA HIS B 100 -14.89 12.50 -9.52
C HIS B 100 -15.75 12.66 -8.26
N ASN B 101 -16.88 13.37 -8.38
CA ASN B 101 -17.81 13.60 -7.29
C ASN B 101 -18.46 12.33 -6.72
N LEU B 102 -19.06 11.54 -7.60
CA LEU B 102 -19.64 10.26 -7.20
C LEU B 102 -18.61 9.33 -6.58
N CYS B 103 -17.43 9.28 -7.20
CA CYS B 103 -16.36 8.39 -6.74
C CYS B 103 -15.93 8.72 -5.31
N GLN B 104 -15.68 10.01 -5.04
CA GLN B 104 -15.20 10.41 -3.72
C GLN B 104 -16.29 10.20 -2.66
N ARG B 105 -17.54 10.47 -3.02
CA ARG B 105 -18.68 10.18 -2.15
C ARG B 105 -18.72 8.70 -1.78
N ALA B 106 -18.50 7.82 -2.77
CA ALA B 106 -18.58 6.38 -2.55
C ALA B 106 -17.44 5.88 -1.67
N ALA B 107 -16.22 6.32 -1.99
CA ALA B 107 -15.05 5.96 -1.21
C ALA B 107 -15.24 6.39 0.25
N THR B 108 -15.87 7.54 0.45
CA THR B 108 -16.17 8.04 1.81
C THR B 108 -17.26 7.23 2.50
N ALA B 109 -18.35 6.96 1.79
CA ALA B 109 -19.41 6.12 2.36
C ALA B 109 -18.86 4.73 2.66
N ALA B 110 -17.82 4.34 1.92
CA ALA B 110 -17.21 3.02 2.08
C ALA B 110 -16.10 2.97 3.14
N GLY B 111 -15.82 4.10 3.79
CA GLY B 111 -14.80 4.19 4.83
C GLY B 111 -13.40 4.42 4.31
N TYR B 112 -13.29 4.99 3.11
CA TYR B 112 -12.00 5.39 2.55
C TYR B 112 -11.97 6.91 2.32
N PRO B 113 -11.77 7.68 3.41
CA PRO B 113 -12.01 9.12 3.46
C PRO B 113 -11.21 9.98 2.50
N ASP B 114 -9.95 9.65 2.23
CA ASP B 114 -9.12 10.56 1.42
C ASP B 114 -8.69 10.00 0.04
N PHE B 115 -9.53 9.19 -0.57
CA PHE B 115 -9.25 8.62 -1.90
C PHE B 115 -9.14 9.73 -2.95
N GLN B 116 -7.97 9.81 -3.58
CA GLN B 116 -7.76 10.76 -4.64
C GLN B 116 -7.42 9.97 -5.91
N PRO B 117 -8.45 9.60 -6.70
CA PRO B 117 -8.20 8.85 -7.93
C PRO B 117 -7.49 9.69 -8.97
N ASP B 118 -6.62 9.06 -9.75
CA ASP B 118 -5.97 9.70 -10.87
C ASP B 118 -6.22 8.88 -12.15
N ALA B 119 -7.20 8.00 -12.09
CA ALA B 119 -7.39 6.99 -13.11
C ALA B 119 -8.82 6.46 -13.09
N CYS B 120 -9.49 6.49 -14.24
CA CYS B 120 -10.79 5.85 -14.40
C CYS B 120 -10.82 4.97 -15.62
N LEU B 121 -10.98 3.67 -15.41
CA LEU B 121 -11.15 2.73 -16.51
C LEU B 121 -12.64 2.55 -16.80
N ILE B 122 -13.01 2.76 -18.05
CA ILE B 122 -14.40 2.54 -18.47
C ILE B 122 -14.49 1.23 -19.25
N ASN B 123 -15.31 0.32 -18.73
CA ASN B 123 -15.53 -0.96 -19.37
C ASN B 123 -16.89 -0.96 -20.01
N ARG B 124 -17.00 -1.55 -21.19
CA ARG B 124 -18.28 -1.76 -21.84
C ARG B 124 -18.45 -3.23 -22.16
N TYR B 125 -19.47 -3.83 -21.57
CA TYR B 125 -19.86 -5.23 -21.81
C TYR B 125 -21.06 -5.33 -22.75
N ALA B 126 -20.85 -5.94 -23.92
CA ALA B 126 -21.96 -6.37 -24.78
C ALA B 126 -22.32 -7.80 -24.35
N PRO B 127 -23.47 -8.34 -24.83
CA PRO B 127 -23.83 -9.72 -24.46
C PRO B 127 -22.68 -10.68 -24.70
N GLY B 128 -22.49 -11.63 -23.79
CA GLY B 128 -21.38 -12.59 -23.92
C GLY B 128 -20.06 -12.11 -23.34
N ALA B 129 -19.79 -10.80 -23.37
CA ALA B 129 -18.52 -10.26 -22.86
C ALA B 129 -18.33 -10.58 -21.39
N LYS B 130 -17.07 -10.74 -20.99
CA LYS B 130 -16.74 -11.21 -19.64
C LYS B 130 -15.39 -10.63 -19.22
N LEU B 131 -15.04 -10.82 -17.96
CA LEU B 131 -13.68 -10.51 -17.52
C LEU B 131 -13.26 -11.61 -16.56
N SER B 132 -12.23 -12.37 -16.94
CA SER B 132 -11.74 -13.50 -16.15
C SER B 132 -11.28 -13.08 -14.76
N LEU B 133 -11.34 -14.01 -13.81
CA LEU B 133 -10.76 -13.82 -12.49
C LEU B 133 -9.36 -13.25 -12.64
N HIS B 134 -9.06 -12.23 -11.83
CA HIS B 134 -7.81 -11.47 -11.91
C HIS B 134 -7.72 -10.57 -10.67
N GLN B 135 -6.51 -10.09 -10.38
CA GLN B 135 -6.30 -9.11 -9.32
C GLN B 135 -5.97 -7.76 -9.94
N ASP B 136 -6.37 -6.68 -9.28
CA ASP B 136 -5.86 -5.36 -9.65
C ASP B 136 -4.55 -5.15 -8.90
N LYS B 137 -3.45 -5.47 -9.57
CA LYS B 137 -2.14 -5.38 -8.95
C LYS B 137 -1.13 -4.56 -9.77
N ALA B 138 -1.61 -3.88 -10.81
CA ALA B 138 -0.75 -3.01 -11.61
C ALA B 138 -0.49 -1.62 -10.96
N GLU B 139 -1.07 -1.39 -9.78
CA GLU B 139 -0.98 -0.11 -9.09
C GLU B 139 0.08 -0.16 -8.00
N PRO B 140 1.01 0.82 -8.01
CA PRO B 140 2.13 0.81 -7.07
C PRO B 140 1.77 1.11 -5.62
N ASP B 141 0.69 1.87 -5.40
CA ASP B 141 0.26 2.24 -4.05
C ASP B 141 -1.02 1.52 -3.60
N LEU B 142 -0.83 0.41 -2.90
CA LEU B 142 -1.94 -0.47 -2.52
C LEU B 142 -2.85 0.05 -1.40
N ARG B 143 -2.52 1.21 -0.84
CA ARG B 143 -3.35 1.81 0.19
C ARG B 143 -4.68 2.31 -0.38
N ALA B 144 -4.68 2.69 -1.67
CA ALA B 144 -5.84 3.31 -2.26
C ALA B 144 -6.86 2.24 -2.66
N PRO B 145 -8.14 2.50 -2.36
CA PRO B 145 -9.17 1.50 -2.67
C PRO B 145 -9.52 1.43 -4.17
N ILE B 146 -10.33 0.44 -4.53
CA ILE B 146 -10.90 0.38 -5.86
C ILE B 146 -12.37 0.75 -5.69
N VAL B 147 -12.85 1.67 -6.53
CA VAL B 147 -14.28 2.02 -6.58
C VAL B 147 -14.83 1.66 -7.96
N SER B 148 -15.87 0.84 -7.96
CA SER B 148 -16.34 0.15 -9.16
C SER B 148 -17.84 0.34 -9.31
N VAL B 149 -18.25 1.16 -10.28
CA VAL B 149 -19.65 1.53 -10.49
C VAL B 149 -20.28 0.67 -11.58
N SER B 150 -21.48 0.13 -11.30
CA SER B 150 -22.24 -0.69 -12.26
C SER B 150 -23.37 0.11 -12.86
N LEU B 151 -23.50 0.04 -14.18
CA LEU B 151 -24.51 0.82 -14.92
C LEU B 151 -25.08 0.01 -16.08
N GLY B 152 -26.40 -0.10 -16.13
CA GLY B 152 -27.09 -0.77 -17.25
C GLY B 152 -27.49 -2.19 -16.89
N LEU B 153 -27.18 -3.11 -17.81
CA LEU B 153 -27.57 -4.52 -17.68
C LEU B 153 -26.95 -5.20 -16.45
N PRO B 154 -27.71 -6.09 -15.78
CA PRO B 154 -27.16 -6.77 -14.61
C PRO B 154 -26.08 -7.76 -14.99
N ALA B 155 -25.12 -7.99 -14.08
CA ALA B 155 -24.04 -8.92 -14.30
C ALA B 155 -23.80 -9.68 -13.02
N ILE B 156 -23.15 -10.84 -13.11
CA ILE B 156 -22.67 -11.53 -11.92
C ILE B 156 -21.18 -11.23 -11.72
N PHE B 157 -20.89 -10.56 -10.60
CA PHE B 157 -19.55 -10.20 -10.18
C PHE B 157 -19.11 -11.27 -9.19
N GLN B 158 -17.96 -11.89 -9.44
CA GLN B 158 -17.45 -12.78 -8.40
C GLN B 158 -16.31 -12.15 -7.61
N PHE B 159 -16.23 -12.48 -6.34
CA PHE B 159 -15.32 -11.80 -5.44
C PHE B 159 -14.67 -12.84 -4.53
N GLY B 160 -13.36 -13.01 -4.67
CA GLY B 160 -12.54 -13.94 -3.84
C GLY B 160 -12.19 -13.38 -2.47
N GLY B 161 -11.02 -13.69 -1.93
CA GLY B 161 -10.02 -14.52 -2.58
C GLY B 161 -8.70 -13.80 -2.79
N LEU B 162 -7.72 -14.05 -1.92
CA LEU B 162 -6.32 -13.65 -2.21
C LEU B 162 -5.65 -14.68 -3.13
N LYS B 163 -6.09 -15.93 -3.04
CA LYS B 163 -5.65 -16.99 -3.96
C LYS B 163 -6.68 -17.15 -5.08
N ARG B 164 -6.25 -17.72 -6.20
CA ARG B 164 -7.09 -17.90 -7.38
C ARG B 164 -8.28 -18.82 -7.07
N ASN B 165 -8.08 -19.72 -6.11
CA ASN B 165 -9.06 -20.80 -5.89
C ASN B 165 -9.68 -20.93 -4.49
N ASP B 166 -9.79 -19.83 -3.75
CA ASP B 166 -10.55 -19.88 -2.51
C ASP B 166 -11.93 -19.29 -2.76
N PRO B 167 -12.93 -19.70 -1.95
CA PRO B 167 -14.33 -19.44 -2.23
C PRO B 167 -14.63 -18.08 -2.88
N LEU B 168 -15.38 -18.12 -3.97
CA LEU B 168 -15.85 -16.93 -4.65
C LEU B 168 -17.27 -16.63 -4.21
N LYS B 169 -17.54 -15.38 -3.84
CA LYS B 169 -18.90 -14.90 -3.72
C LYS B 169 -19.37 -14.50 -5.11
N ARG B 170 -20.64 -14.78 -5.41
CA ARG B 170 -21.22 -14.45 -6.70
C ARG B 170 -22.36 -13.46 -6.51
N LEU B 171 -22.15 -12.22 -6.92
CA LEU B 171 -23.10 -11.17 -6.58
C LEU B 171 -23.80 -10.63 -7.82
N LEU B 172 -25.11 -10.42 -7.72
CA LEU B 172 -25.85 -9.80 -8.80
C LEU B 172 -25.80 -8.30 -8.65
N LEU B 173 -25.01 -7.67 -9.50
CA LEU B 173 -24.83 -6.24 -9.53
C LEU B 173 -25.79 -5.62 -10.51
N GLU B 174 -26.53 -4.63 -10.04
CA GLU B 174 -27.55 -3.97 -10.82
C GLU B 174 -27.20 -2.49 -11.05
N HIS B 175 -27.88 -1.91 -12.04
CA HIS B 175 -27.75 -0.50 -12.40
C HIS B 175 -27.74 0.40 -11.15
N GLY B 176 -26.65 1.14 -10.93
CA GLY B 176 -26.50 2.01 -9.76
C GLY B 176 -25.61 1.49 -8.65
N ASP B 177 -25.47 0.16 -8.55
CA ASP B 177 -24.61 -0.46 -7.54
C ASP B 177 -23.16 -0.06 -7.69
N VAL B 178 -22.52 0.23 -6.54
CA VAL B 178 -21.10 0.52 -6.49
C VAL B 178 -20.46 -0.46 -5.52
N VAL B 179 -19.47 -1.22 -5.99
CA VAL B 179 -18.64 -2.05 -5.12
C VAL B 179 -17.32 -1.33 -4.85
N VAL B 180 -16.92 -1.30 -3.58
CA VAL B 180 -15.64 -0.69 -3.19
C VAL B 180 -14.84 -1.75 -2.44
N TRP B 181 -13.56 -1.91 -2.78
CA TRP B 181 -12.69 -2.79 -1.99
C TRP B 181 -11.27 -2.25 -1.78
N GLY B 182 -10.58 -2.75 -0.75
CA GLY B 182 -9.31 -2.20 -0.32
C GLY B 182 -8.86 -2.71 1.03
N GLY B 183 -7.75 -2.17 1.52
CA GLY B 183 -7.13 -2.65 2.76
C GLY B 183 -6.94 -4.15 2.62
N GLU B 184 -7.39 -4.90 3.60
CA GLU B 184 -7.26 -6.36 3.57
C GLU B 184 -7.74 -7.05 2.28
N SER B 185 -8.77 -6.50 1.64
CA SER B 185 -9.32 -7.08 0.40
C SER B 185 -8.82 -6.41 -0.91
N ARG B 186 -7.84 -5.52 -0.79
CA ARG B 186 -7.32 -4.80 -1.95
C ARG B 186 -6.85 -5.68 -3.12
N LEU B 187 -6.24 -6.81 -2.83
CA LEU B 187 -5.69 -7.69 -3.87
C LEU B 187 -6.57 -8.92 -4.14
N PHE B 188 -7.80 -8.91 -3.66
CA PHE B 188 -8.71 -10.04 -3.86
C PHE B 188 -9.02 -10.23 -5.33
N TYR B 189 -9.13 -11.50 -5.74
CA TYR B 189 -9.55 -11.86 -7.08
C TYR B 189 -11.02 -11.51 -7.27
N HIS B 190 -11.38 -11.21 -8.51
CA HIS B 190 -12.72 -10.81 -8.89
C HIS B 190 -12.85 -10.87 -10.41
N GLY B 191 -14.08 -10.73 -10.91
CA GLY B 191 -14.33 -10.85 -12.34
C GLY B 191 -15.82 -10.75 -12.64
N ILE B 192 -16.15 -10.75 -13.92
CA ILE B 192 -17.53 -10.67 -14.39
C ILE B 192 -17.81 -11.82 -15.36
N GLN B 193 -18.89 -12.56 -15.10
CA GLN B 193 -19.30 -13.68 -15.95
C GLN B 193 -19.95 -13.19 -17.23
N PRO B 194 -19.86 -13.98 -18.33
CA PRO B 194 -20.47 -13.57 -19.60
C PRO B 194 -21.80 -12.85 -19.40
N LEU B 195 -21.90 -11.63 -19.93
CA LEU B 195 -23.10 -10.81 -19.78
C LEU B 195 -24.29 -11.43 -20.50
N LYS B 196 -25.42 -11.53 -19.81
CA LYS B 196 -26.65 -12.03 -20.44
C LYS B 196 -27.35 -10.88 -21.16
N ALA B 197 -28.02 -11.21 -22.26
CA ALA B 197 -28.72 -10.23 -23.08
C ALA B 197 -29.90 -9.62 -22.33
N GLY B 198 -30.24 -8.38 -22.66
CA GLY B 198 -31.36 -7.67 -22.04
C GLY B 198 -31.45 -6.24 -22.51
N PHE B 199 -32.35 -5.47 -21.89
CA PHE B 199 -32.52 -4.05 -22.18
C PHE B 199 -32.43 -3.22 -20.91
N HIS B 200 -31.88 -2.01 -21.01
CA HIS B 200 -32.02 -1.00 -19.97
C HIS B 200 -32.36 0.35 -20.61
N PRO B 201 -33.23 1.16 -19.97
CA PRO B 201 -33.62 2.41 -20.61
C PRO B 201 -32.45 3.36 -20.89
N LEU B 202 -31.47 3.39 -19.99
CA LEU B 202 -30.40 4.38 -20.05
C LEU B 202 -29.18 3.94 -20.86
N THR B 203 -28.90 2.64 -20.87
CA THR B 203 -27.75 2.10 -21.62
C THR B 203 -28.16 1.25 -22.83
N ILE B 204 -29.45 1.01 -22.99
CA ILE B 204 -30.00 0.24 -24.12
C ILE B 204 -29.71 -1.27 -24.04
N ASP B 205 -28.54 -1.71 -24.49
CA ASP B 205 -28.27 -3.14 -24.64
C ASP B 205 -26.95 -3.63 -24.02
N CYS B 206 -26.32 -2.81 -23.19
CA CYS B 206 -25.00 -3.15 -22.64
CA CYS B 206 -24.95 -3.18 -22.72
C CYS B 206 -24.85 -2.72 -21.17
N ARG B 207 -23.79 -3.22 -20.54
CA ARG B 207 -23.43 -2.81 -19.17
C ARG B 207 -22.10 -2.05 -19.18
N TYR B 208 -22.11 -0.87 -18.57
CA TYR B 208 -20.90 -0.10 -18.35
C TYR B 208 -20.44 -0.25 -16.92
N ASN B 209 -19.12 -0.22 -16.73
CA ASN B 209 -18.51 -0.19 -15.42
C ASN B 209 -17.46 0.91 -15.37
N LEU B 210 -17.44 1.67 -14.28
CA LEU B 210 -16.41 2.69 -14.06
C LEU B 210 -15.54 2.25 -12.89
N THR B 211 -14.28 1.94 -13.18
CA THR B 211 -13.34 1.56 -12.14
C THR B 211 -12.40 2.73 -11.85
N PHE B 212 -12.53 3.30 -10.65
CA PHE B 212 -11.65 4.39 -10.24
C PHE B 212 -10.53 3.83 -9.41
N ARG B 213 -9.32 4.30 -9.69
CA ARG B 213 -8.13 3.88 -8.97
C ARG B 213 -7.20 5.06 -8.72
N GLN B 214 -6.31 4.91 -7.74
CA GLN B 214 -5.10 5.72 -7.71
C GLN B 214 -4.07 4.82 -8.38
N ALA B 215 -3.65 5.19 -9.57
CA ALA B 215 -2.71 4.40 -10.35
C ALA B 215 -1.28 4.90 -10.25
N GLY B 216 -1.12 6.17 -9.88
CA GLY B 216 0.20 6.77 -9.76
C GLY B 216 0.75 6.68 -8.34
N LYS B 217 1.55 7.67 -7.97
CA LYS B 217 2.15 7.72 -6.64
C LYS B 217 1.95 9.07 -5.98
N LYS B 218 1.35 9.06 -4.80
CA LYS B 218 1.10 10.28 -4.06
C LYS B 218 2.38 11.05 -3.79
P MG1 C 3 -4.84 -12.43 -16.34
OP1 MG1 C 3 -3.82 -11.32 -16.54
OP2 MG1 C 3 -5.45 -12.69 -14.98
O5' MG1 C 3 -6.01 -12.22 -17.43
C5' MG1 C 3 -7.38 -12.47 -17.14
C4' MG1 C 3 -8.22 -11.34 -17.74
O4' MG1 C 3 -8.20 -10.17 -16.90
C3' MG1 C 3 -7.72 -10.91 -19.11
O3' MG1 C 3 -8.83 -10.63 -19.97
C2' MG1 C 3 -6.94 -9.62 -18.86
C1' MG1 C 3 -7.63 -9.06 -17.62
N9 MG1 C 3 -6.77 -8.29 -16.68
C8 MG1 C 3 -5.60 -8.65 -16.10
N7 MG1 C 3 -5.19 -7.65 -15.28
C5 MG1 C 3 -6.12 -6.67 -15.33
C6 MG1 C 3 -6.27 -5.43 -14.72
O6 MG1 C 3 -5.39 -5.02 -13.93
N1 MG1 C 3 -7.35 -4.67 -15.01
CM1 MG1 C 3 -7.48 -3.35 -14.36
C2 MG1 C 3 -8.30 -5.10 -15.86
N2 MG1 C 3 -9.40 -4.37 -16.17
N3 MG1 C 3 -8.18 -6.30 -16.45
C4 MG1 C 3 -7.11 -7.09 -16.20
CO CO E . 13.35 4.75 8.25
C1 AKG F . 15.41 3.16 9.51
O1 AKG F . 16.09 2.12 9.75
O2 AKG F . 14.96 3.37 8.37
C2 AKG F . 15.13 4.15 10.57
O5 AKG F . 14.55 5.20 10.32
C3 AKG F . 15.55 3.87 12.00
C4 AKG F . 15.18 5.06 12.88
C5 AKG F . 15.58 4.79 14.31
O3 AKG F . 16.77 4.48 14.56
O4 AKG F . 14.70 4.86 15.18
CO CO G . -10.39 -5.75 -11.77
C1 AKG H . -11.68 -3.97 -13.69
O1 AKG H . -11.85 -2.91 -14.36
O2 AKG H . -10.55 -4.35 -13.30
C2 AKG H . -12.84 -4.80 -13.33
O5 AKG H . -12.62 -5.89 -12.85
C3 AKG H . -14.28 -4.31 -13.59
C4 AKG H . -15.33 -5.12 -12.83
C5 AKG H . -16.73 -4.82 -13.31
O3 AKG H . -16.94 -4.64 -14.53
O4 AKG H . -17.65 -4.78 -12.46
#